data_5WXD
#
_entry.id   5WXD
#
_cell.length_a   67.470
_cell.length_b   78.983
_cell.length_c   88.052
_cell.angle_alpha   90.00
_cell.angle_beta   90.00
_cell.angle_gamma   90.00
#
_symmetry.space_group_name_H-M   'P 21 21 21'
#
loop_
_entity.id
_entity.type
_entity.pdbx_description
1 polymer 'HLA class I histocompatibility antigen, A-24 alpha chain'
2 polymer Beta-2-microglobulin
3 polymer H7-25
#
loop_
_entity_poly.entity_id
_entity_poly.type
_entity_poly.pdbx_seq_one_letter_code
_entity_poly.pdbx_strand_id
1 'polypeptide(L)'
;GSHSMRYFSTSVSRPGRGEPRFIAVGYVDDTQFVRFDSDAASQRMEPRAPWIEQEGPEYWDEETGKVKAHSQTDRENLRI
ALRYYNQSEAGSHTLQMMFGCDVGSDGRFLRGYHQYAYDGKDYIALKEDLRSWTAADMAAQITKRKWEAAHVAEQQRAYL
EGTCVDGLRRYLENGKETLQRTDPPKTHMTHHPISDHEATLRCWALGFYPAEITLTWQRDGEDQTQDTELVETRPAGDGT
FQKWAAVVVPSGEEQRYTCHVQHEGLPKPLTLRW
;
A
2 'polypeptide(L)'
;AIQRTPKIQVYSRHPAENGKSNFLNCYVSGFHPSDIEVDLLKNGERIEKVEHSDLSFSKDWSFYLLYYTEFTPTEKDEYA
CRVNHVTLSQPKIVKWDRDM
;
B
3 'polypeptide(L)' LYKKLKREMTF E
#
# COMPACT_ATOMS: atom_id res chain seq x y z
N GLY A 1 18.48 8.55 -1.58
CA GLY A 1 18.33 9.22 -2.86
C GLY A 1 17.16 10.18 -2.92
N SER A 2 16.29 9.98 -3.90
CA SER A 2 15.06 10.76 -4.00
C SER A 2 14.02 10.23 -3.02
N HIS A 3 13.11 11.11 -2.62
CA HIS A 3 12.16 10.78 -1.57
C HIS A 3 10.76 11.25 -1.96
N SER A 4 9.77 10.68 -1.29
CA SER A 4 8.38 10.90 -1.61
C SER A 4 7.55 10.94 -0.33
N MET A 5 6.48 11.73 -0.36
CA MET A 5 5.51 11.80 0.72
C MET A 5 4.12 11.88 0.11
N ARG A 6 3.21 11.00 0.56
CA ARG A 6 1.88 10.90 0.00
C ARG A 6 0.84 10.76 1.10
N TYR A 7 -0.35 11.32 0.84
CA TYR A 7 -1.54 11.13 1.66
C TYR A 7 -2.58 10.40 0.82
N PHE A 8 -3.18 9.35 1.38
CA PHE A 8 -4.15 8.52 0.67
C PHE A 8 -5.49 8.61 1.40
N SER A 9 -6.53 9.04 0.70
CA SER A 9 -7.86 9.21 1.27
C SER A 9 -8.83 8.25 0.61
N THR A 10 -9.58 7.50 1.43
CA THR A 10 -10.59 6.55 0.96
C THR A 10 -11.91 6.85 1.66
N SER A 11 -12.95 7.09 0.87
CA SER A 11 -14.30 7.34 1.37
C SER A 11 -15.25 6.32 0.76
N VAL A 12 -16.15 5.79 1.59
CA VAL A 12 -17.08 4.75 1.17
C VAL A 12 -18.44 5.04 1.78
N SER A 13 -19.47 5.09 0.93
CA SER A 13 -20.82 5.26 1.42
C SER A 13 -21.39 3.93 1.87
N ARG A 14 -22.31 3.98 2.84
CA ARG A 14 -22.97 2.80 3.38
C ARG A 14 -24.44 3.14 3.58
N PRO A 15 -25.25 3.02 2.51
CA PRO A 15 -26.55 3.73 2.48
C PRO A 15 -27.49 3.50 3.65
N GLY A 16 -27.71 2.25 4.04
CA GLY A 16 -28.61 2.00 5.17
C GLY A 16 -27.98 2.32 6.51
N ARG A 17 -26.66 2.25 6.59
CA ARG A 17 -25.92 2.43 7.84
C ARG A 17 -25.51 3.87 8.09
N GLY A 18 -25.98 4.82 7.29
CA GLY A 18 -25.69 6.22 7.55
C GLY A 18 -24.44 6.78 6.87
N GLU A 19 -23.75 7.72 7.53
CA GLU A 19 -22.67 8.53 6.98
C GLU A 19 -21.58 7.70 6.28
N PRO A 20 -20.99 8.21 5.20
CA PRO A 20 -19.85 7.50 4.59
C PRO A 20 -18.66 7.40 5.54
N ARG A 21 -17.82 6.40 5.28
CA ARG A 21 -16.63 6.13 6.09
C ARG A 21 -15.40 6.70 5.40
N PHE A 22 -14.66 7.54 6.12
CA PHE A 22 -13.48 8.21 5.57
C PHE A 22 -12.23 7.70 6.29
N ILE A 23 -11.24 7.29 5.52
CA ILE A 23 -9.98 6.76 6.03
C ILE A 23 -8.84 7.41 5.26
N ALA A 24 -7.91 8.02 5.98
CA ALA A 24 -6.76 8.70 5.39
C ALA A 24 -5.48 8.29 6.11
N VAL A 25 -4.40 8.13 5.34
CA VAL A 25 -3.12 7.70 5.89
C VAL A 25 -2.00 8.48 5.24
N GLY A 26 -1.02 8.86 6.05
CA GLY A 26 0.19 9.48 5.54
C GLY A 26 1.30 8.46 5.29
N TYR A 27 2.18 8.79 4.34
CA TYR A 27 3.34 7.99 4.05
C TYR A 27 4.52 8.88 3.68
N VAL A 28 5.71 8.50 4.15
CA VAL A 28 6.97 9.02 3.64
C VAL A 28 7.74 7.84 3.09
N ASP A 29 7.95 7.84 1.76
CA ASP A 29 8.47 6.67 1.04
C ASP A 29 7.53 5.50 1.35
N ASP A 30 8.03 4.35 1.78
CA ASP A 30 7.20 3.22 2.17
C ASP A 30 6.92 3.18 3.67
N THR A 31 7.35 4.20 4.41
CA THR A 31 7.08 4.30 5.83
C THR A 31 5.81 5.11 6.06
N GLN A 32 4.87 4.53 6.80
CA GLN A 32 3.68 5.25 7.24
C GLN A 32 3.99 6.07 8.48
N PHE A 33 3.34 7.22 8.60
CA PHE A 33 3.55 8.07 9.77
C PHE A 33 2.26 8.44 10.49
N VAL A 34 1.29 9.07 9.82
CA VAL A 34 0.03 9.36 10.50
C VAL A 34 -1.15 8.59 9.93
N ARG A 35 -2.33 8.75 10.53
CA ARG A 35 -3.58 8.15 10.06
C ARG A 35 -4.74 8.98 10.60
N PHE A 36 -5.90 8.81 9.96
CA PHE A 36 -7.15 9.37 10.47
C PHE A 36 -8.30 8.49 10.06
N ASP A 37 -9.30 8.37 10.94
CA ASP A 37 -10.44 7.49 10.73
C ASP A 37 -11.72 8.20 11.14
N SER A 38 -12.73 8.15 10.26
CA SER A 38 -14.00 8.80 10.58
C SER A 38 -14.69 8.12 11.76
N ASP A 39 -14.67 6.78 11.79
CA ASP A 39 -15.39 6.06 12.83
C ASP A 39 -14.58 5.90 14.12
N ALA A 40 -13.33 6.34 14.14
CA ALA A 40 -12.54 6.27 15.35
C ALA A 40 -13.07 7.26 16.38
N ALA A 41 -13.10 6.82 17.65
CA ALA A 41 -13.58 7.70 18.71
C ALA A 41 -12.64 8.85 18.99
N SER A 42 -11.37 8.73 18.60
CA SER A 42 -10.41 9.79 18.86
C SER A 42 -10.78 11.06 18.10
N GLN A 43 -11.20 10.91 16.85
CA GLN A 43 -11.52 12.04 15.97
C GLN A 43 -10.35 12.98 15.81
N ARG A 44 -9.14 12.44 15.93
CA ARG A 44 -7.91 13.20 15.79
C ARG A 44 -6.94 12.45 14.89
N MET A 45 -6.08 13.20 14.21
CA MET A 45 -4.97 12.58 13.49
C MET A 45 -4.05 11.89 14.47
N GLU A 46 -3.75 10.60 14.21
CA GLU A 46 -2.94 9.93 15.21
C GLU A 46 -1.59 9.52 14.61
N PRO A 47 -0.51 9.60 15.40
CA PRO A 47 0.79 9.14 14.88
C PRO A 47 0.85 7.63 14.76
N ARG A 48 1.25 7.15 13.59
CA ARG A 48 1.64 5.76 13.43
C ARG A 48 3.15 5.57 13.38
N ALA A 49 3.94 6.64 13.52
CA ALA A 49 5.38 6.52 13.49
C ALA A 49 5.99 7.06 14.80
N PRO A 50 7.04 6.42 15.32
CA PRO A 50 7.58 6.89 16.60
C PRO A 50 8.29 8.24 16.51
N TRP A 51 8.90 8.55 15.36
CA TRP A 51 9.61 9.81 15.22
C TRP A 51 8.70 10.99 14.99
N ILE A 52 7.42 10.77 14.70
CA ILE A 52 6.47 11.87 14.56
C ILE A 52 5.66 12.11 15.83
N GLU A 53 5.84 11.28 16.85
CA GLU A 53 5.15 11.52 18.13
C GLU A 53 5.67 12.75 18.85
N GLN A 54 6.85 13.25 18.46
CA GLN A 54 7.49 14.37 19.13
C GLN A 54 6.86 15.72 18.76
N GLU A 55 5.95 15.74 17.79
CA GLU A 55 5.41 17.00 17.32
C GLU A 55 4.49 17.62 18.36
N GLY A 56 4.52 18.94 18.48
CA GLY A 56 3.72 19.66 19.42
C GLY A 56 2.24 19.58 19.09
N PRO A 57 1.39 19.88 20.08
CA PRO A 57 -0.07 19.83 19.84
C PRO A 57 -0.56 20.89 18.88
N GLU A 58 0.19 21.99 18.70
CA GLU A 58 -0.12 22.96 17.66
C GLU A 58 -0.15 22.27 16.30
N TYR A 59 0.80 21.36 16.06
CA TYR A 59 0.85 20.60 14.82
C TYR A 59 -0.38 19.69 14.67
N TRP A 60 -0.67 18.89 15.71
CA TRP A 60 -1.75 17.93 15.62
C TRP A 60 -3.10 18.61 15.42
N ASP A 61 -3.33 19.72 16.12
CA ASP A 61 -4.58 20.45 15.96
C ASP A 61 -4.74 20.99 14.55
N GLU A 62 -3.64 21.46 13.95
CA GLU A 62 -3.71 22.00 12.60
C GLU A 62 -4.01 20.91 11.60
N GLU A 63 -3.28 19.79 11.66
CA GLU A 63 -3.49 18.69 10.72
C GLU A 63 -4.89 18.12 10.84
N THR A 64 -5.34 17.84 12.07
CA THR A 64 -6.66 17.25 12.25
C THR A 64 -7.78 18.18 11.81
N GLY A 65 -7.52 19.48 11.74
CA GLY A 65 -8.53 20.39 11.21
C GLY A 65 -8.64 20.30 9.70
N LYS A 66 -7.50 20.11 9.01
CA LYS A 66 -7.54 20.06 7.55
C LYS A 66 -8.07 18.72 7.06
N VAL A 67 -7.74 17.63 7.76
CA VAL A 67 -8.18 16.31 7.32
C VAL A 67 -9.68 16.17 7.49
N LYS A 68 -10.25 16.78 8.54
CA LYS A 68 -11.70 16.83 8.69
C LYS A 68 -12.34 17.64 7.57
N ALA A 69 -11.68 18.73 7.15
CA ALA A 69 -12.19 19.52 6.04
C ALA A 69 -12.24 18.69 4.76
N HIS A 70 -11.20 17.87 4.54
CA HIS A 70 -11.18 16.99 3.38
C HIS A 70 -12.25 15.91 3.49
N SER A 71 -12.43 15.35 4.70
CA SER A 71 -13.38 14.26 4.88
C SER A 71 -14.79 14.69 4.46
N GLN A 72 -15.23 15.85 4.90
CA GLN A 72 -16.55 16.34 4.51
C GLN A 72 -16.57 16.77 3.06
N THR A 73 -15.43 17.23 2.54
CA THR A 73 -15.31 17.53 1.12
C THR A 73 -15.61 16.30 0.29
N ASP A 74 -15.02 15.17 0.66
CA ASP A 74 -15.22 13.93 -0.08
C ASP A 74 -16.61 13.37 0.14
N ARG A 75 -17.18 13.56 1.35
CA ARG A 75 -18.55 13.12 1.58
C ARG A 75 -19.53 13.83 0.65
N GLU A 76 -19.34 15.14 0.46
CA GLU A 76 -20.16 15.86 -0.51
C GLU A 76 -19.73 15.56 -1.94
N ASN A 77 -18.43 15.32 -2.15
CA ASN A 77 -17.97 14.85 -3.46
C ASN A 77 -18.71 13.58 -3.86
N LEU A 78 -18.98 12.70 -2.90
CA LEU A 78 -19.72 11.48 -3.21
C LEU A 78 -21.17 11.79 -3.59
N ARG A 79 -21.80 12.73 -2.87
CA ARG A 79 -23.17 13.12 -3.21
C ARG A 79 -23.23 13.74 -4.60
N ILE A 80 -22.25 14.58 -4.94
CA ILE A 80 -22.23 15.20 -6.26
C ILE A 80 -22.08 14.13 -7.34
N ALA A 81 -21.29 13.09 -7.05
CA ALA A 81 -21.02 12.08 -8.06
C ALA A 81 -22.23 11.17 -8.29
N LEU A 82 -22.90 10.75 -7.21
CA LEU A 82 -24.14 9.99 -7.38
C LEU A 82 -25.18 10.80 -8.15
N ARG A 83 -25.16 12.12 -8.01
CA ARG A 83 -26.00 12.97 -8.84
C ARG A 83 -25.48 13.02 -10.26
N TYR A 84 -24.16 13.26 -10.41
CA TYR A 84 -23.56 13.43 -11.74
C TYR A 84 -23.83 12.24 -12.63
N TYR A 85 -23.55 11.03 -12.15
CA TYR A 85 -23.73 9.81 -12.93
C TYR A 85 -25.14 9.24 -12.85
N ASN A 86 -25.96 9.75 -11.94
CA ASN A 86 -27.32 9.26 -11.71
C ASN A 86 -27.31 7.79 -11.32
N GLN A 87 -26.52 7.46 -10.30
CA GLN A 87 -26.61 6.16 -9.66
C GLN A 87 -27.55 6.24 -8.46
N SER A 88 -28.32 5.18 -8.25
CA SER A 88 -29.27 5.16 -7.15
C SER A 88 -28.53 5.20 -5.81
N GLU A 89 -29.17 5.81 -4.82
CA GLU A 89 -28.57 5.92 -3.49
C GLU A 89 -28.51 4.59 -2.75
N ALA A 90 -29.18 3.55 -3.26
CA ALA A 90 -29.08 2.24 -2.61
C ALA A 90 -27.70 1.64 -2.78
N GLY A 91 -27.00 1.98 -3.86
CA GLY A 91 -25.67 1.45 -4.09
C GLY A 91 -24.63 2.13 -3.21
N SER A 92 -23.58 1.37 -2.91
CA SER A 92 -22.45 1.85 -2.12
C SER A 92 -21.29 2.12 -3.07
N HIS A 93 -20.80 3.36 -3.06
CA HIS A 93 -19.77 3.77 -4.01
C HIS A 93 -18.55 4.31 -3.27
N THR A 94 -17.41 4.31 -3.97
CA THR A 94 -16.12 4.59 -3.37
C THR A 94 -15.46 5.76 -4.08
N LEU A 95 -14.77 6.61 -3.30
CA LEU A 95 -13.96 7.69 -3.85
C LEU A 95 -12.60 7.66 -3.18
N GLN A 96 -11.56 7.39 -3.96
CA GLN A 96 -10.20 7.40 -3.46
C GLN A 96 -9.51 8.68 -3.90
N MET A 97 -8.63 9.20 -3.04
CA MET A 97 -7.93 10.44 -3.32
C MET A 97 -6.49 10.34 -2.85
N MET A 98 -5.57 10.83 -3.68
CA MET A 98 -4.14 10.83 -3.34
C MET A 98 -3.53 12.17 -3.71
N PHE A 99 -2.62 12.65 -2.87
CA PHE A 99 -1.82 13.82 -3.19
C PHE A 99 -0.47 13.71 -2.49
N GLY A 100 0.52 14.36 -3.07
CA GLY A 100 1.86 14.33 -2.50
C GLY A 100 2.88 14.95 -3.44
N CYS A 101 4.14 14.81 -3.06
CA CYS A 101 5.23 15.45 -3.77
C CYS A 101 6.49 14.59 -3.67
N ASP A 102 7.43 14.84 -4.58
CA ASP A 102 8.71 14.15 -4.61
C ASP A 102 9.84 15.18 -4.57
N VAL A 103 10.98 14.77 -4.01
CA VAL A 103 12.16 15.62 -3.93
C VAL A 103 13.37 14.82 -4.41
N GLY A 104 14.40 15.55 -4.84
CA GLY A 104 15.65 14.94 -5.24
C GLY A 104 16.55 14.60 -4.07
N SER A 105 17.73 14.10 -4.39
CA SER A 105 18.70 13.72 -3.35
C SER A 105 19.08 14.91 -2.50
N ASP A 106 19.28 16.08 -3.11
CA ASP A 106 19.57 17.29 -2.37
C ASP A 106 18.33 17.93 -1.75
N GLY A 107 17.13 17.48 -2.15
CA GLY A 107 15.89 17.97 -1.56
C GLY A 107 15.09 18.93 -2.43
N ARG A 108 15.52 19.21 -3.66
CA ARG A 108 14.74 20.10 -4.51
C ARG A 108 13.49 19.40 -5.02
N PHE A 109 12.47 20.20 -5.31
CA PHE A 109 11.20 19.68 -5.79
C PHE A 109 11.39 18.91 -7.09
N LEU A 110 10.64 17.83 -7.25
CA LEU A 110 10.70 17.00 -8.45
C LEU A 110 9.36 16.93 -9.15
N ARG A 111 8.40 16.21 -8.58
CA ARG A 111 7.08 16.03 -9.17
C ARG A 111 6.01 16.29 -8.10
N GLY A 112 4.76 16.34 -8.55
CA GLY A 112 3.65 16.48 -7.63
C GLY A 112 2.43 15.79 -8.17
N TYR A 113 1.54 15.43 -7.25
CA TYR A 113 0.37 14.62 -7.58
C TYR A 113 -0.83 15.13 -6.80
N HIS A 114 -1.93 15.39 -7.50
CA HIS A 114 -3.21 15.65 -6.86
C HIS A 114 -4.25 14.90 -7.70
N GLN A 115 -4.90 13.88 -7.13
CA GLN A 115 -5.79 13.09 -7.98
C GLN A 115 -6.88 12.39 -7.17
N TYR A 116 -7.98 12.08 -7.87
CA TYR A 116 -9.13 11.36 -7.34
C TYR A 116 -9.42 10.14 -8.22
N ALA A 117 -10.09 9.15 -7.63
CA ALA A 117 -10.58 8.00 -8.38
C ALA A 117 -11.93 7.57 -7.83
N TYR A 118 -12.88 7.33 -8.73
CA TYR A 118 -14.24 6.95 -8.37
C TYR A 118 -14.46 5.49 -8.74
N ASP A 119 -14.75 4.66 -7.73
CA ASP A 119 -15.03 3.24 -7.91
C ASP A 119 -13.87 2.51 -8.61
N GLY A 120 -12.64 2.87 -8.25
CA GLY A 120 -11.46 2.22 -8.78
C GLY A 120 -10.96 2.75 -10.10
N LYS A 121 -11.73 3.60 -10.78
CA LYS A 121 -11.32 4.18 -12.05
C LYS A 121 -10.98 5.66 -11.87
N ASP A 122 -10.03 6.13 -12.67
CA ASP A 122 -9.65 7.53 -12.63
C ASP A 122 -10.85 8.43 -12.92
N TYR A 123 -11.10 9.38 -12.03
CA TYR A 123 -12.13 10.39 -12.25
C TYR A 123 -11.49 11.66 -12.78
N ILE A 124 -10.71 12.33 -11.92
CA ILE A 124 -9.94 13.50 -12.29
C ILE A 124 -8.53 13.34 -11.71
N ALA A 125 -7.62 14.21 -12.13
CA ALA A 125 -6.23 14.18 -11.69
C ALA A 125 -5.50 15.39 -12.25
N LEU A 126 -4.36 15.71 -11.64
CA LEU A 126 -3.59 16.88 -12.02
C LEU A 126 -2.42 16.44 -12.89
N LYS A 127 -2.26 17.11 -14.02
CA LYS A 127 -1.19 16.78 -14.94
C LYS A 127 0.16 17.11 -14.32
N GLU A 128 1.22 16.52 -14.86
CA GLU A 128 2.56 16.74 -14.32
C GLU A 128 2.95 18.22 -14.41
N ASP A 129 2.54 18.90 -15.48
CA ASP A 129 2.87 20.32 -15.59
C ASP A 129 2.24 21.15 -14.49
N LEU A 130 1.29 20.59 -13.75
CA LEU A 130 0.59 21.19 -12.63
C LEU A 130 -0.16 22.47 -13.00
N ARG A 131 -0.37 22.73 -14.28
CA ARG A 131 -1.25 23.79 -14.72
C ARG A 131 -2.57 23.30 -15.31
N SER A 132 -2.77 21.99 -15.43
CA SER A 132 -3.90 21.46 -16.16
C SER A 132 -4.46 20.22 -15.47
N TRP A 133 -5.66 19.81 -15.88
CA TRP A 133 -6.35 18.64 -15.34
C TRP A 133 -6.61 17.62 -16.44
N THR A 134 -6.51 16.35 -16.08
CA THR A 134 -6.95 15.27 -16.95
C THR A 134 -8.29 14.77 -16.45
N ALA A 135 -9.30 14.79 -17.32
CA ALA A 135 -10.65 14.41 -16.95
C ALA A 135 -11.14 13.34 -17.92
N ALA A 136 -11.36 12.13 -17.41
CA ALA A 136 -11.79 11.01 -18.24
C ALA A 136 -13.12 11.24 -18.92
N ASP A 137 -14.20 11.27 -18.14
CA ASP A 137 -15.56 11.26 -18.66
C ASP A 137 -16.16 12.66 -18.63
N MET A 138 -17.40 12.77 -19.13
CA MET A 138 -18.06 14.06 -19.18
C MET A 138 -18.54 14.52 -17.80
N ALA A 139 -18.58 13.64 -16.82
CA ALA A 139 -18.82 14.07 -15.45
C ALA A 139 -17.62 14.84 -14.91
N ALA A 140 -16.41 14.35 -15.18
CA ALA A 140 -15.20 15.01 -14.70
C ALA A 140 -14.95 16.33 -15.41
N GLN A 141 -15.36 16.45 -16.68
CA GLN A 141 -15.20 17.72 -17.38
C GLN A 141 -15.97 18.83 -16.68
N ILE A 142 -17.10 18.50 -16.04
CA ILE A 142 -17.84 19.50 -15.28
C ILE A 142 -17.00 19.98 -14.11
N THR A 143 -16.46 19.04 -13.33
CA THR A 143 -15.61 19.40 -12.21
C THR A 143 -14.34 20.09 -12.68
N LYS A 144 -13.79 19.65 -13.81
CA LYS A 144 -12.65 20.34 -14.41
C LYS A 144 -13.00 21.78 -14.73
N ARG A 145 -14.13 21.99 -15.44
CA ARG A 145 -14.58 23.35 -15.73
C ARG A 145 -14.85 24.13 -14.45
N LYS A 146 -15.31 23.44 -13.41
CA LYS A 146 -15.48 24.09 -12.11
C LYS A 146 -14.12 24.47 -11.51
N TRP A 147 -13.16 23.55 -11.56
CA TRP A 147 -11.87 23.78 -10.90
C TRP A 147 -10.95 24.69 -11.70
N GLU A 148 -11.09 24.72 -13.03
CA GLU A 148 -10.37 25.73 -13.80
C GLU A 148 -10.84 27.14 -13.42
N ALA A 149 -12.17 27.35 -13.36
CA ALA A 149 -12.68 28.69 -13.13
C ALA A 149 -12.36 29.17 -11.73
N ALA A 150 -12.32 28.25 -10.77
CA ALA A 150 -12.01 28.58 -9.38
C ALA A 150 -10.52 28.67 -9.12
N HIS A 151 -9.69 28.43 -10.14
CA HIS A 151 -8.23 28.54 -10.02
C HIS A 151 -7.69 27.56 -8.99
N VAL A 152 -8.20 26.33 -9.03
CA VAL A 152 -7.78 25.31 -8.07
C VAL A 152 -6.36 24.84 -8.39
N ALA A 153 -6.04 24.71 -9.68
CA ALA A 153 -4.73 24.18 -10.06
C ALA A 153 -3.60 25.06 -9.52
N GLU A 154 -3.82 26.37 -9.45
CA GLU A 154 -2.78 27.27 -8.96
C GLU A 154 -2.59 27.12 -7.46
N GLN A 155 -3.68 26.95 -6.70
CA GLN A 155 -3.56 26.88 -5.25
C GLN A 155 -2.88 25.60 -4.80
N GLN A 156 -3.24 24.46 -5.40
CA GLN A 156 -2.59 23.20 -5.06
C GLN A 156 -1.12 23.20 -5.47
N ARG A 157 -0.81 23.76 -6.64
CA ARG A 157 0.57 23.92 -7.06
C ARG A 157 1.38 24.68 -6.01
N ALA A 158 0.79 25.72 -5.42
CA ALA A 158 1.48 26.45 -4.36
C ALA A 158 1.67 25.56 -3.13
N TYR A 159 0.63 24.81 -2.75
CA TYR A 159 0.76 23.84 -1.69
C TYR A 159 1.85 22.82 -1.99
N LEU A 160 1.68 22.07 -3.10
CA LEU A 160 2.58 20.98 -3.45
C LEU A 160 4.04 21.41 -3.41
N GLU A 161 4.34 22.56 -4.03
CA GLU A 161 5.72 23.03 -4.06
C GLU A 161 6.13 23.63 -2.72
N GLY A 162 5.36 24.58 -2.20
CA GLY A 162 5.71 25.17 -0.93
C GLY A 162 5.54 24.30 0.31
N THR A 163 4.31 23.87 0.59
CA THR A 163 4.05 23.23 1.89
C THR A 163 4.42 21.75 1.88
N CYS A 164 4.02 21.02 0.83
CA CYS A 164 4.28 19.58 0.78
C CYS A 164 5.77 19.29 0.90
N VAL A 165 6.60 20.08 0.22
CA VAL A 165 8.04 19.84 0.23
C VAL A 165 8.62 20.14 1.61
N ASP A 166 8.26 21.31 2.18
CA ASP A 166 8.88 21.72 3.43
C ASP A 166 8.57 20.74 4.56
N GLY A 167 7.35 20.19 4.57
CA GLY A 167 7.03 19.16 5.56
C GLY A 167 7.88 17.91 5.36
N LEU A 168 7.97 17.43 4.12
CA LEU A 168 8.81 16.29 3.79
C LEU A 168 10.26 16.54 4.23
N ARG A 169 10.70 17.79 4.17
CA ARG A 169 12.06 18.13 4.54
C ARG A 169 12.29 17.96 6.03
N ARG A 170 11.34 18.43 6.85
CA ARG A 170 11.48 18.27 8.29
C ARG A 170 11.29 16.81 8.70
N TYR A 171 10.36 16.10 8.05
CA TYR A 171 10.16 14.69 8.37
C TYR A 171 11.44 13.89 8.13
N LEU A 172 12.11 14.14 7.00
CA LEU A 172 13.32 13.40 6.68
C LEU A 172 14.46 13.72 7.64
N GLU A 173 14.40 14.89 8.29
CA GLU A 173 15.29 15.18 9.41
C GLU A 173 14.83 14.46 10.67
N ASN A 174 13.59 14.73 11.10
CA ASN A 174 13.02 14.14 12.31
C ASN A 174 13.26 12.64 12.37
N GLY A 175 13.08 11.96 11.24
CA GLY A 175 13.20 10.51 11.16
C GLY A 175 14.50 10.00 10.56
N LYS A 176 15.57 10.80 10.62
CA LYS A 176 16.84 10.42 10.00
C LYS A 176 17.25 9.00 10.40
N GLU A 177 17.00 8.60 11.65
CA GLU A 177 17.24 7.24 12.09
C GLU A 177 16.63 6.24 11.13
N THR A 178 15.30 6.25 10.99
CA THR A 178 14.57 5.28 10.21
C THR A 178 14.50 5.66 8.72
N LEU A 179 13.90 6.81 8.43
CA LEU A 179 13.57 7.20 7.05
C LEU A 179 14.75 7.04 6.10
N GLN A 180 15.82 7.82 6.32
CA GLN A 180 16.91 7.90 5.36
C GLN A 180 17.77 6.64 5.30
N ARG A 181 17.53 5.65 6.16
CA ARG A 181 18.28 4.41 6.08
C ARG A 181 17.89 3.63 4.82
N THR A 182 18.78 2.72 4.42
CA THR A 182 18.50 1.75 3.37
C THR A 182 18.99 0.38 3.83
N ASP A 183 18.08 -0.59 3.90
CA ASP A 183 18.39 -1.92 4.42
C ASP A 183 18.64 -2.88 3.27
N PRO A 184 19.84 -3.42 3.11
CA PRO A 184 20.09 -4.41 2.09
C PRO A 184 19.32 -5.69 2.38
N PRO A 185 18.83 -6.40 1.38
CA PRO A 185 18.11 -7.65 1.62
C PRO A 185 19.06 -8.80 1.95
N LYS A 186 18.56 -9.70 2.80
CA LYS A 186 19.22 -10.97 3.07
C LYS A 186 18.60 -12.03 2.18
N THR A 187 19.40 -12.64 1.33
CA THR A 187 18.93 -13.49 0.24
C THR A 187 19.45 -14.91 0.37
N HIS A 188 18.76 -15.83 -0.30
CA HIS A 188 19.09 -17.26 -0.30
C HIS A 188 18.12 -17.95 -1.24
N MET A 189 18.38 -19.22 -1.50
CA MET A 189 17.55 -20.06 -2.36
C MET A 189 17.01 -21.25 -1.57
N THR A 190 15.81 -21.69 -1.96
CA THR A 190 15.21 -22.90 -1.41
C THR A 190 14.79 -23.81 -2.56
N HIS A 191 14.87 -25.12 -2.32
CA HIS A 191 14.73 -26.13 -3.36
C HIS A 191 13.64 -27.11 -2.95
N HIS A 192 12.60 -27.23 -3.78
CA HIS A 192 11.37 -27.93 -3.43
C HIS A 192 10.88 -28.86 -4.53
N PRO A 193 11.25 -30.14 -4.46
CA PRO A 193 10.80 -31.09 -5.48
C PRO A 193 9.28 -31.19 -5.53
N ILE A 194 8.76 -31.56 -6.70
CA ILE A 194 7.34 -31.82 -6.89
C ILE A 194 7.18 -33.24 -7.41
N SER A 195 7.72 -33.50 -8.59
CA SER A 195 7.81 -34.87 -9.10
C SER A 195 9.26 -35.34 -8.95
N ASP A 196 9.54 -36.54 -9.46
CA ASP A 196 10.91 -36.99 -9.50
C ASP A 196 11.68 -36.37 -10.66
N HIS A 197 10.98 -35.91 -11.70
CA HIS A 197 11.62 -35.23 -12.81
C HIS A 197 11.54 -33.71 -12.74
N GLU A 198 11.00 -33.14 -11.67
CA GLU A 198 10.93 -31.68 -11.57
C GLU A 198 11.20 -31.22 -10.15
N ALA A 199 11.60 -29.96 -10.02
CA ALA A 199 11.85 -29.33 -8.73
C ALA A 199 11.60 -27.83 -8.84
N THR A 200 11.36 -27.20 -7.70
CA THR A 200 11.04 -25.78 -7.64
C THR A 200 12.19 -25.02 -6.99
N LEU A 201 12.69 -24.00 -7.69
CA LEU A 201 13.73 -23.12 -7.19
C LEU A 201 13.11 -21.78 -6.81
N ARG A 202 13.27 -21.38 -5.55
CA ARG A 202 12.73 -20.12 -5.05
C ARG A 202 13.87 -19.23 -4.56
N CYS A 203 13.89 -17.98 -5.03
CA CYS A 203 14.92 -17.01 -4.65
C CYS A 203 14.29 -15.94 -3.77
N TRP A 204 14.81 -15.78 -2.56
CA TRP A 204 14.22 -14.91 -1.55
C TRP A 204 15.00 -13.61 -1.39
N ALA A 205 14.28 -12.55 -1.03
CA ALA A 205 14.84 -11.30 -0.55
C ALA A 205 14.09 -10.93 0.71
N LEU A 206 14.81 -10.75 1.82
CA LEU A 206 14.21 -10.58 3.13
C LEU A 206 14.74 -9.33 3.82
N GLY A 207 13.85 -8.64 4.52
CA GLY A 207 14.24 -7.55 5.40
C GLY A 207 14.88 -6.37 4.71
N PHE A 208 14.31 -5.91 3.60
CA PHE A 208 14.88 -4.81 2.85
C PHE A 208 13.97 -3.58 2.88
N TYR A 209 14.61 -2.42 2.93
CA TYR A 209 13.93 -1.14 2.75
C TYR A 209 14.83 -0.24 1.90
N PRO A 210 14.24 0.53 0.98
CA PRO A 210 12.82 0.59 0.63
C PRO A 210 12.33 -0.65 -0.11
N ALA A 211 11.03 -0.69 -0.43
CA ALA A 211 10.43 -1.91 -0.98
C ALA A 211 10.67 -2.06 -2.48
N GLU A 212 11.05 -1.00 -3.18
CA GLU A 212 11.33 -1.11 -4.60
C GLU A 212 12.51 -2.06 -4.83
N ILE A 213 12.29 -3.08 -5.66
CA ILE A 213 13.28 -4.13 -5.87
C ILE A 213 13.01 -4.78 -7.21
N THR A 214 14.01 -5.48 -7.75
CA THR A 214 13.87 -6.22 -9.01
C THR A 214 14.41 -7.62 -8.80
N LEU A 215 13.56 -8.61 -8.95
CA LEU A 215 13.97 -10.01 -8.90
C LEU A 215 13.96 -10.60 -10.30
N THR A 216 14.92 -11.49 -10.56
CA THR A 216 15.15 -11.99 -11.91
C THR A 216 15.65 -13.42 -11.85
N TRP A 217 15.22 -14.23 -12.82
CA TRP A 217 15.74 -15.57 -13.05
C TRP A 217 16.35 -15.65 -14.44
N GLN A 218 17.35 -16.52 -14.59
CA GLN A 218 18.04 -16.69 -15.86
C GLN A 218 18.45 -18.14 -16.01
N ARG A 219 18.72 -18.52 -17.26
CA ARG A 219 19.34 -19.81 -17.58
C ARG A 219 20.49 -19.56 -18.53
N ASP A 220 21.70 -19.95 -18.11
CA ASP A 220 22.92 -19.76 -18.90
C ASP A 220 23.15 -18.30 -19.25
N GLY A 221 22.70 -17.39 -18.39
CA GLY A 221 22.80 -15.97 -18.65
C GLY A 221 21.69 -15.40 -19.50
N GLU A 222 20.69 -16.20 -19.88
CA GLU A 222 19.58 -15.77 -20.71
C GLU A 222 18.30 -15.75 -19.89
N ASP A 223 17.41 -14.79 -20.21
CA ASP A 223 16.32 -14.45 -19.31
C ASP A 223 15.12 -15.38 -19.48
N GLN A 224 14.63 -15.88 -18.34
CA GLN A 224 13.65 -16.97 -18.26
C GLN A 224 12.21 -16.53 -18.00
N THR A 225 11.87 -15.25 -18.16
CA THR A 225 10.59 -14.74 -17.67
C THR A 225 9.38 -15.56 -18.15
N GLN A 226 9.58 -16.50 -19.08
CA GLN A 226 8.52 -17.41 -19.50
C GLN A 226 7.91 -18.15 -18.30
N ASP A 227 8.71 -18.99 -17.63
CA ASP A 227 8.22 -19.90 -16.60
C ASP A 227 8.19 -19.28 -15.20
N THR A 228 8.47 -17.98 -15.08
CA THR A 228 8.68 -17.36 -13.79
C THR A 228 7.36 -17.11 -13.06
N GLU A 229 7.31 -17.53 -11.80
CA GLU A 229 6.30 -17.08 -10.86
C GLU A 229 6.96 -16.10 -9.89
N LEU A 230 6.36 -14.92 -9.76
CA LEU A 230 6.93 -13.87 -8.92
C LEU A 230 5.82 -13.20 -8.12
N VAL A 231 5.95 -13.23 -6.80
CA VAL A 231 4.92 -12.70 -5.90
C VAL A 231 5.07 -11.19 -5.77
N GLU A 232 3.96 -10.54 -5.42
CA GLU A 232 3.96 -9.13 -5.09
C GLU A 232 4.72 -8.90 -3.78
N THR A 233 5.45 -7.79 -3.72
CA THR A 233 6.24 -7.47 -2.53
C THR A 233 5.33 -7.34 -1.32
N ARG A 234 5.72 -7.98 -0.22
CA ARG A 234 4.86 -8.00 0.95
C ARG A 234 5.55 -7.33 2.13
N PRO A 235 4.81 -6.57 2.94
CA PRO A 235 5.41 -5.95 4.13
C PRO A 235 5.70 -6.98 5.20
N ALA A 236 6.89 -6.88 5.80
CA ALA A 236 7.26 -7.81 6.86
C ALA A 236 6.53 -7.51 8.16
N GLY A 237 6.10 -6.26 8.36
CA GLY A 237 5.46 -5.84 9.59
C GLY A 237 6.36 -5.12 10.56
N ASP A 238 7.68 -5.29 10.45
CA ASP A 238 8.64 -4.59 11.29
C ASP A 238 9.16 -3.31 10.66
N GLY A 239 8.64 -2.93 9.49
CA GLY A 239 9.16 -1.81 8.74
C GLY A 239 9.92 -2.20 7.49
N THR A 240 10.27 -3.47 7.33
CA THR A 240 10.98 -3.96 6.16
C THR A 240 10.00 -4.72 5.27
N PHE A 241 10.54 -5.28 4.17
CA PHE A 241 9.70 -5.91 3.17
C PHE A 241 10.33 -7.23 2.72
N GLN A 242 9.51 -8.07 2.09
CA GLN A 242 9.93 -9.36 1.59
C GLN A 242 9.35 -9.61 0.21
N LYS A 243 10.06 -10.42 -0.57
CA LYS A 243 9.61 -10.81 -1.91
C LYS A 243 10.32 -12.08 -2.31
N TRP A 244 9.73 -12.82 -3.25
CA TRP A 244 10.44 -13.94 -3.85
C TRP A 244 9.90 -14.22 -5.24
N ALA A 245 10.76 -14.81 -6.07
CA ALA A 245 10.39 -15.31 -7.38
C ALA A 245 10.82 -16.76 -7.48
N ALA A 246 10.16 -17.52 -8.35
CA ALA A 246 10.44 -18.95 -8.41
C ALA A 246 10.23 -19.45 -9.84
N VAL A 247 10.99 -20.50 -10.18
CA VAL A 247 10.87 -21.19 -11.46
C VAL A 247 10.85 -22.68 -11.20
N VAL A 248 10.07 -23.41 -12.00
CA VAL A 248 10.13 -24.86 -12.04
C VAL A 248 11.20 -25.26 -13.04
N VAL A 249 12.08 -26.17 -12.62
CA VAL A 249 13.23 -26.53 -13.44
C VAL A 249 13.24 -28.05 -13.64
N PRO A 250 13.75 -28.53 -14.77
CA PRO A 250 14.06 -29.96 -14.86
C PRO A 250 15.19 -30.31 -13.91
N SER A 251 14.97 -31.34 -13.10
CA SER A 251 16.05 -31.89 -12.29
C SER A 251 16.80 -32.89 -13.17
N GLY A 252 18.13 -32.85 -13.15
CA GLY A 252 18.90 -32.05 -12.23
C GLY A 252 19.50 -30.75 -12.73
N GLU A 253 18.94 -30.11 -13.74
CA GLU A 253 19.59 -28.90 -14.24
C GLU A 253 19.11 -27.73 -13.39
N GLU A 254 20.00 -27.28 -12.51
CA GLU A 254 19.67 -26.35 -11.45
C GLU A 254 20.70 -25.24 -11.38
N GLN A 255 21.96 -25.60 -11.11
CA GLN A 255 23.07 -24.65 -11.22
C GLN A 255 23.20 -24.06 -12.62
N ARG A 256 22.48 -24.59 -13.60
CA ARG A 256 22.34 -23.94 -14.89
C ARG A 256 21.49 -22.68 -14.82
N TYR A 257 20.88 -22.40 -13.67
CA TYR A 257 20.06 -21.24 -13.41
C TYR A 257 20.76 -20.27 -12.47
N THR A 258 20.44 -18.99 -12.61
CA THR A 258 20.95 -17.96 -11.72
C THR A 258 19.82 -17.02 -11.35
N CYS A 259 19.87 -16.50 -10.12
CA CYS A 259 18.92 -15.51 -9.64
C CYS A 259 19.66 -14.18 -9.45
N HIS A 260 19.01 -13.09 -9.82
CA HIS A 260 19.65 -11.78 -9.87
C HIS A 260 18.79 -10.78 -9.11
N VAL A 261 19.39 -10.10 -8.14
CA VAL A 261 18.69 -9.19 -7.24
C VAL A 261 19.31 -7.80 -7.37
N GLN A 262 18.46 -6.78 -7.44
CA GLN A 262 18.89 -5.39 -7.47
C GLN A 262 18.13 -4.60 -6.43
N HIS A 263 18.85 -3.83 -5.62
CA HIS A 263 18.22 -2.99 -4.61
C HIS A 263 19.11 -1.79 -4.34
N GLU A 264 18.48 -0.72 -3.84
CA GLU A 264 19.22 0.52 -3.56
C GLU A 264 20.32 0.30 -2.54
N GLY A 265 20.05 -0.50 -1.51
CA GLY A 265 21.05 -0.77 -0.50
C GLY A 265 22.17 -1.69 -0.92
N LEU A 266 22.18 -2.14 -2.17
CA LEU A 266 23.22 -3.04 -2.64
C LEU A 266 24.25 -2.24 -3.43
N PRO A 267 25.54 -2.29 -3.06
CA PRO A 267 26.54 -1.56 -3.87
C PRO A 267 26.61 -2.08 -5.29
N LYS A 268 26.63 -3.39 -5.45
CA LYS A 268 26.51 -4.11 -6.71
C LYS A 268 25.36 -5.10 -6.62
N PRO A 269 24.62 -5.32 -7.70
CA PRO A 269 23.59 -6.37 -7.69
C PRO A 269 24.20 -7.74 -7.41
N LEU A 270 23.34 -8.67 -7.02
CA LEU A 270 23.76 -9.98 -6.54
C LEU A 270 23.37 -11.07 -7.52
N THR A 271 24.15 -12.15 -7.48
CA THR A 271 23.92 -13.31 -8.33
C THR A 271 23.95 -14.56 -7.45
N LEU A 272 22.86 -15.30 -7.45
CA LEU A 272 22.71 -16.49 -6.63
C LEU A 272 22.65 -17.73 -7.51
N ARG A 273 23.41 -18.75 -7.14
CA ARG A 273 23.48 -20.00 -7.90
C ARG A 273 23.39 -21.17 -6.93
N TRP A 274 22.70 -22.22 -7.36
CA TRP A 274 22.42 -23.36 -6.49
C TRP A 274 23.66 -24.24 -6.30
N ALA B 1 -18.43 0.30 -11.39
CA ALA B 1 -18.02 -0.22 -10.09
C ALA B 1 -17.16 -1.46 -10.25
N ILE B 2 -15.91 -1.26 -10.67
CA ILE B 2 -15.06 -2.40 -11.04
C ILE B 2 -14.69 -3.23 -9.81
N GLN B 3 -14.29 -4.47 -10.07
CA GLN B 3 -14.01 -5.44 -9.03
C GLN B 3 -12.63 -6.04 -9.24
N ARG B 4 -11.96 -6.37 -8.13
CA ARG B 4 -10.65 -7.00 -8.16
C ARG B 4 -10.58 -8.07 -7.08
N THR B 5 -10.17 -9.26 -7.49
CA THR B 5 -9.96 -10.37 -6.54
C THR B 5 -8.66 -10.16 -5.78
N PRO B 6 -8.66 -10.26 -4.46
CA PRO B 6 -7.45 -9.94 -3.69
C PRO B 6 -6.36 -10.98 -3.87
N LYS B 7 -5.11 -10.50 -3.77
CA LYS B 7 -3.95 -11.39 -3.77
C LYS B 7 -3.58 -11.67 -2.33
N ILE B 8 -3.76 -12.91 -1.90
CA ILE B 8 -3.56 -13.30 -0.51
C ILE B 8 -2.16 -13.87 -0.35
N GLN B 9 -1.44 -13.39 0.67
CA GLN B 9 -0.16 -13.96 1.05
C GLN B 9 -0.15 -14.14 2.56
N VAL B 10 0.15 -15.37 3.00
CA VAL B 10 0.30 -15.69 4.42
C VAL B 10 1.74 -16.11 4.64
N TYR B 11 2.31 -15.70 5.77
CA TYR B 11 3.74 -15.85 5.98
C TYR B 11 4.11 -15.35 7.37
N SER B 12 5.27 -15.79 7.83
CA SER B 12 5.88 -15.32 9.07
C SER B 12 6.73 -14.08 8.79
N ARG B 13 6.79 -13.19 9.78
CA ARG B 13 7.69 -12.05 9.72
C ARG B 13 9.13 -12.50 9.53
N HIS B 14 9.71 -13.12 10.58
CA HIS B 14 11.00 -13.78 10.48
C HIS B 14 10.82 -15.23 10.06
N PRO B 15 11.78 -15.79 9.32
CA PRO B 15 11.72 -17.23 9.00
C PRO B 15 11.54 -18.06 10.26
N ALA B 16 10.61 -19.00 10.20
CA ALA B 16 10.07 -19.63 11.40
C ALA B 16 11.12 -20.48 12.12
N GLU B 17 11.12 -20.38 13.45
CA GLU B 17 11.85 -21.29 14.32
C GLU B 17 10.86 -21.83 15.34
N ASN B 18 10.64 -23.14 15.33
CA ASN B 18 9.65 -23.73 16.23
C ASN B 18 10.01 -23.42 17.67
N GLY B 19 9.05 -22.85 18.40
CA GLY B 19 9.30 -22.45 19.76
C GLY B 19 10.01 -21.11 19.89
N LYS B 20 9.81 -20.21 18.93
CA LYS B 20 10.40 -18.88 18.98
C LYS B 20 9.31 -17.89 18.60
N SER B 21 9.26 -16.76 19.29
CA SER B 21 8.13 -15.84 19.12
C SER B 21 8.33 -15.07 17.83
N ASN B 22 7.41 -15.29 16.89
CA ASN B 22 7.38 -14.70 15.57
C ASN B 22 6.13 -13.83 15.45
N PHE B 23 5.91 -13.31 14.25
CA PHE B 23 4.65 -12.67 13.93
C PHE B 23 4.06 -13.35 12.71
N LEU B 24 2.76 -13.61 12.76
CA LEU B 24 2.05 -14.20 11.64
C LEU B 24 1.38 -13.07 10.87
N ASN B 25 1.69 -12.98 9.58
CA ASN B 25 1.15 -11.96 8.70
C ASN B 25 0.31 -12.60 7.61
N CYS B 26 -0.91 -12.09 7.44
CA CYS B 26 -1.69 -12.36 6.25
C CYS B 26 -1.87 -11.04 5.51
N TYR B 27 -1.40 -10.98 4.27
CA TYR B 27 -1.36 -9.75 3.49
C TYR B 27 -2.21 -9.94 2.24
N VAL B 28 -3.31 -9.17 2.15
CA VAL B 28 -4.17 -9.15 0.98
C VAL B 28 -3.93 -7.85 0.24
N SER B 29 -3.98 -7.91 -1.09
CA SER B 29 -3.62 -6.77 -1.92
C SER B 29 -4.37 -6.82 -3.24
N GLY B 30 -4.39 -5.69 -3.93
CA GLY B 30 -4.94 -5.63 -5.27
C GLY B 30 -6.39 -6.01 -5.39
N PHE B 31 -7.22 -5.54 -4.45
CA PHE B 31 -8.63 -5.89 -4.45
C PHE B 31 -9.48 -4.62 -4.49
N HIS B 32 -10.76 -4.84 -4.77
CA HIS B 32 -11.73 -3.77 -4.95
C HIS B 32 -13.10 -4.43 -5.11
N PRO B 33 -14.13 -3.91 -4.43
CA PRO B 33 -14.18 -2.79 -3.46
C PRO B 33 -13.37 -2.99 -2.18
N SER B 34 -13.42 -1.99 -1.30
CA SER B 34 -12.52 -1.95 -0.16
C SER B 34 -12.95 -2.88 0.98
N ASP B 35 -14.24 -3.19 1.09
CA ASP B 35 -14.72 -4.00 2.20
C ASP B 35 -14.20 -5.43 2.06
N ILE B 36 -13.53 -5.92 3.11
CA ILE B 36 -12.98 -7.27 3.10
C ILE B 36 -12.95 -7.81 4.52
N GLU B 37 -13.03 -9.13 4.64
CA GLU B 37 -12.99 -9.83 5.92
C GLU B 37 -11.81 -10.78 5.89
N VAL B 38 -10.92 -10.65 6.88
CA VAL B 38 -9.74 -11.50 6.99
C VAL B 38 -9.67 -12.05 8.41
N ASP B 39 -9.43 -13.35 8.52
CA ASP B 39 -9.27 -14.01 9.81
C ASP B 39 -8.01 -14.86 9.77
N LEU B 40 -7.44 -15.12 10.95
CA LEU B 40 -6.29 -15.99 11.11
C LEU B 40 -6.68 -17.17 11.98
N LEU B 41 -6.28 -18.36 11.55
CA LEU B 41 -6.75 -19.61 12.13
C LEU B 41 -5.60 -20.36 12.79
N LYS B 42 -5.87 -20.98 13.93
CA LYS B 42 -4.98 -21.95 14.55
C LYS B 42 -5.68 -23.29 14.53
N ASN B 43 -5.20 -24.20 13.68
CA ASN B 43 -5.80 -25.52 13.48
C ASN B 43 -7.26 -25.44 13.06
N GLY B 44 -7.67 -24.34 12.45
CA GLY B 44 -9.04 -24.17 12.01
C GLY B 44 -9.89 -23.29 12.89
N GLU B 45 -9.37 -22.81 14.02
CA GLU B 45 -10.12 -21.97 14.95
C GLU B 45 -9.61 -20.53 14.86
N ARG B 46 -10.54 -19.58 14.83
CA ARG B 46 -10.21 -18.18 14.63
C ARG B 46 -9.43 -17.63 15.83
N ILE B 47 -8.44 -16.80 15.54
CA ILE B 47 -7.57 -16.20 16.56
C ILE B 47 -8.18 -14.89 17.01
N GLU B 48 -8.17 -14.65 18.32
CA GLU B 48 -8.94 -13.55 18.90
C GLU B 48 -8.25 -12.20 18.71
N LYS B 49 -7.07 -12.01 19.29
CA LYS B 49 -6.44 -10.70 19.27
C LYS B 49 -5.62 -10.62 18.00
N VAL B 50 -6.11 -9.84 17.04
CA VAL B 50 -5.47 -9.65 15.75
C VAL B 50 -5.66 -8.20 15.34
N GLU B 51 -4.57 -7.52 15.04
CA GLU B 51 -4.63 -6.14 14.58
C GLU B 51 -4.35 -6.10 13.08
N HIS B 52 -5.01 -5.18 12.40
CA HIS B 52 -4.79 -4.96 10.98
C HIS B 52 -4.20 -3.58 10.78
N SER B 53 -3.46 -3.43 9.68
CA SER B 53 -2.91 -2.13 9.34
C SER B 53 -4.02 -1.22 8.84
N ASP B 54 -3.67 0.03 8.55
CA ASP B 54 -4.64 1.01 8.09
C ASP B 54 -4.89 0.86 6.60
N LEU B 55 -6.12 1.19 6.19
CA LEU B 55 -6.51 1.01 4.79
C LEU B 55 -5.75 1.98 3.91
N SER B 56 -5.05 1.45 2.91
CA SER B 56 -4.32 2.23 1.94
C SER B 56 -4.37 1.50 0.61
N PHE B 57 -4.01 2.19 -0.47
CA PHE B 57 -4.03 1.62 -1.80
C PHE B 57 -2.76 1.99 -2.53
N SER B 58 -2.53 1.31 -3.66
CA SER B 58 -1.34 1.50 -4.47
C SER B 58 -1.64 2.47 -5.61
N LYS B 59 -0.69 2.61 -6.54
CA LYS B 59 -0.86 3.59 -7.62
C LYS B 59 -2.01 3.22 -8.55
N ASP B 60 -2.34 1.95 -8.63
CA ASP B 60 -3.41 1.48 -9.50
C ASP B 60 -4.76 1.52 -8.82
N TRP B 61 -4.80 2.15 -7.64
CA TRP B 61 -6.00 2.36 -6.83
C TRP B 61 -6.51 1.06 -6.24
N SER B 62 -5.62 0.08 -6.05
CA SER B 62 -5.97 -1.22 -5.50
C SER B 62 -5.55 -1.27 -4.04
N PHE B 63 -6.46 -1.74 -3.18
CA PHE B 63 -6.26 -1.69 -1.75
C PHE B 63 -5.32 -2.80 -1.28
N TYR B 64 -4.63 -2.52 -0.17
CA TYR B 64 -3.80 -3.52 0.49
C TYR B 64 -3.91 -3.36 2.00
N LEU B 65 -4.13 -4.49 2.69
CA LEU B 65 -4.24 -4.52 4.14
C LEU B 65 -3.34 -5.62 4.69
N LEU B 66 -2.81 -5.40 5.89
CA LEU B 66 -1.94 -6.36 6.56
C LEU B 66 -2.53 -6.70 7.92
N TYR B 67 -2.94 -7.96 8.08
CA TYR B 67 -3.41 -8.50 9.36
C TYR B 67 -2.28 -9.29 9.99
N TYR B 68 -1.99 -9.00 11.27
CA TYR B 68 -0.81 -9.56 11.91
C TYR B 68 -1.11 -9.91 13.36
N THR B 69 -0.44 -10.96 13.84
CA THR B 69 -0.55 -11.39 15.22
C THR B 69 0.75 -12.05 15.67
N GLU B 70 1.07 -11.89 16.95
CA GLU B 70 2.24 -12.54 17.54
C GLU B 70 1.92 -13.99 17.87
N PHE B 71 2.84 -14.89 17.51
CA PHE B 71 2.59 -16.31 17.75
C PHE B 71 3.92 -17.06 17.85
N THR B 72 3.84 -18.27 18.40
CA THR B 72 4.99 -19.15 18.60
C THR B 72 4.68 -20.50 17.98
N PRO B 73 5.08 -20.75 16.73
CA PRO B 73 4.69 -21.97 16.05
C PRO B 73 5.28 -23.22 16.67
N THR B 74 4.66 -24.34 16.34
CA THR B 74 5.11 -25.68 16.73
C THR B 74 5.26 -26.55 15.48
N GLU B 75 5.61 -27.81 15.69
CA GLU B 75 5.56 -28.78 14.61
C GLU B 75 4.13 -29.19 14.29
N LYS B 76 3.31 -29.34 15.34
CA LYS B 76 1.93 -29.79 15.16
C LYS B 76 1.06 -28.68 14.60
N ASP B 77 1.12 -27.48 15.16
CA ASP B 77 0.09 -26.48 14.97
C ASP B 77 -0.05 -26.08 13.51
N GLU B 78 -1.26 -26.21 12.98
CA GLU B 78 -1.61 -25.68 11.66
C GLU B 78 -2.13 -24.26 11.79
N TYR B 79 -1.65 -23.38 10.91
CA TYR B 79 -2.16 -22.02 10.83
C TYR B 79 -2.63 -21.78 9.40
N ALA B 80 -3.53 -20.80 9.26
CA ALA B 80 -4.06 -20.47 7.94
C ALA B 80 -4.64 -19.05 8.00
N CYS B 81 -5.11 -18.60 6.84
CA CYS B 81 -5.73 -17.29 6.68
C CYS B 81 -6.99 -17.46 5.84
N ARG B 82 -8.08 -16.85 6.29
CA ARG B 82 -9.37 -16.95 5.64
C ARG B 82 -9.82 -15.57 5.21
N VAL B 83 -10.14 -15.42 3.92
CA VAL B 83 -10.49 -14.14 3.33
C VAL B 83 -11.79 -14.31 2.55
N ASN B 84 -12.77 -13.46 2.86
CA ASN B 84 -13.97 -13.35 2.04
C ASN B 84 -14.06 -11.96 1.43
N HIS B 85 -14.58 -11.90 0.21
CA HIS B 85 -14.68 -10.65 -0.54
C HIS B 85 -15.82 -10.81 -1.53
N VAL B 86 -16.32 -9.69 -2.04
CA VAL B 86 -17.47 -9.73 -2.95
C VAL B 86 -17.13 -10.49 -4.22
N THR B 87 -15.83 -10.67 -4.52
CA THR B 87 -15.38 -11.37 -5.72
C THR B 87 -15.23 -12.87 -5.51
N LEU B 88 -15.50 -13.38 -4.31
CA LEU B 88 -15.23 -14.77 -3.97
C LEU B 88 -16.55 -15.50 -3.74
N SER B 89 -16.81 -16.52 -4.55
CA SER B 89 -18.04 -17.31 -4.41
C SER B 89 -18.15 -17.91 -3.01
N GLN B 90 -17.03 -18.29 -2.42
CA GLN B 90 -16.94 -18.75 -1.05
C GLN B 90 -15.68 -18.14 -0.45
N PRO B 91 -15.58 -18.09 0.88
CA PRO B 91 -14.32 -17.67 1.50
C PRO B 91 -13.18 -18.58 1.08
N LYS B 92 -12.03 -18.00 0.78
CA LYS B 92 -10.84 -18.75 0.40
C LYS B 92 -9.91 -18.86 1.61
N ILE B 93 -9.42 -20.07 1.86
CA ILE B 93 -8.57 -20.37 3.00
C ILE B 93 -7.18 -20.72 2.50
N VAL B 94 -6.16 -20.12 3.09
CA VAL B 94 -4.78 -20.27 2.65
C VAL B 94 -3.96 -20.77 3.83
N LYS B 95 -3.42 -21.98 3.72
CA LYS B 95 -2.62 -22.56 4.79
C LYS B 95 -1.18 -22.01 4.75
N TRP B 96 -0.62 -21.76 5.92
CA TRP B 96 0.70 -21.13 6.01
C TRP B 96 1.79 -22.17 5.83
N ASP B 97 2.67 -21.93 4.87
CA ASP B 97 3.84 -22.78 4.62
C ASP B 97 5.07 -22.14 5.25
N ARG B 98 5.88 -22.97 5.91
CA ARG B 98 7.13 -22.46 6.47
C ARG B 98 8.08 -21.98 5.37
N ASP B 99 7.96 -22.57 4.18
CA ASP B 99 8.77 -22.21 3.03
C ASP B 99 8.08 -21.23 2.07
N MET B 100 6.91 -20.71 2.45
CA MET B 100 6.34 -19.56 1.75
C MET B 100 6.09 -18.41 2.72
N LEU C 1 2.50 17.38 6.16
CA LEU C 1 1.62 18.54 6.24
C LEU C 1 0.51 18.42 5.20
N TYR C 2 -0.73 18.31 5.69
CA TYR C 2 -1.87 18.00 4.86
C TYR C 2 -2.28 19.22 4.03
N LYS C 3 -2.93 18.94 2.89
CA LYS C 3 -3.42 20.01 2.04
C LYS C 3 -4.54 20.75 2.75
N LYS C 4 -4.51 22.08 2.64
CA LYS C 4 -5.64 22.92 3.01
C LYS C 4 -5.91 23.87 1.86
N LEU C 5 -7.04 23.68 1.19
CA LEU C 5 -7.51 24.65 0.21
C LEU C 5 -8.31 25.72 0.92
N LYS C 6 -7.92 26.98 0.73
CA LYS C 6 -8.47 28.07 1.54
C LYS C 6 -9.99 28.05 1.54
N ARG C 7 -10.60 28.01 0.35
CA ARG C 7 -12.02 27.74 0.19
C ARG C 7 -12.17 26.31 -0.34
N GLU C 8 -12.70 25.42 0.50
CA GLU C 8 -12.76 24.01 0.17
C GLU C 8 -13.66 23.80 -1.06
N MET C 9 -13.11 23.15 -2.07
CA MET C 9 -13.77 23.05 -3.37
C MET C 9 -14.22 21.63 -3.61
N THR C 10 -15.47 21.47 -4.05
CA THR C 10 -16.06 20.18 -4.31
C THR C 10 -16.49 20.11 -5.77
N PHE C 11 -16.72 18.89 -6.23
CA PHE C 11 -17.12 18.62 -7.62
C PHE C 11 -18.28 19.51 -8.06
#